data_1G70
#
_entry.id   1G70
#
_cell.length_a   1.000
_cell.length_b   1.000
_cell.length_c   1.000
_cell.angle_alpha   90.00
_cell.angle_beta   90.00
_cell.angle_gamma   90.00
#
_symmetry.space_group_name_H-M   'P 1'
#
loop_
_entity.id
_entity.type
_entity.pdbx_description
1 polymer 'HIV-1 RRE-IIB 32 NUCLEOTIDE RNA'
2 polymer 'RSG-1.2 PEPTIDE'
#
loop_
_entity_poly.entity_id
_entity_poly.type
_entity_poly.pdbx_seq_one_letter_code
_entity_poly.pdbx_strand_id
1 'polyribonucleotide' GGUCUGGGCGCACUUCGGUGACGGUACAGGCC A
2 'polypeptide(L)' DRRRRGSRPSGAERRRRRAAAA B
#
# COMPACT_ATOMS: atom_id res chain seq x y z
N SER B 7 5.71 4.96 8.53
CA SER B 7 6.39 6.25 8.27
C SER B 7 5.54 7.50 8.44
N ARG B 8 4.23 7.57 8.16
CA ARG B 8 3.21 6.64 7.67
C ARG B 8 3.42 6.03 6.27
N PRO B 9 2.68 4.95 5.94
CA PRO B 9 2.73 4.28 4.65
C PRO B 9 2.51 5.27 3.52
N SER B 10 3.42 5.14 2.56
CA SER B 10 3.87 6.07 1.54
C SER B 10 2.88 6.45 0.45
N GLY B 11 1.56 6.28 0.68
CA GLY B 11 0.48 6.55 -0.27
C GLY B 11 0.48 5.57 -1.45
N ALA B 12 1.61 5.42 -2.16
CA ALA B 12 1.82 4.32 -3.07
C ALA B 12 1.58 3.00 -2.32
N GLU B 13 2.00 2.95 -1.05
CA GLU B 13 1.92 1.81 -0.20
C GLU B 13 0.47 1.52 0.18
N ARG B 14 -0.41 2.54 0.31
CA ARG B 14 -1.84 2.29 0.36
C ARG B 14 -2.36 1.60 -0.93
N ARG B 15 -2.01 2.09 -2.13
CA ARG B 15 -2.34 1.39 -3.38
C ARG B 15 -1.77 -0.04 -3.43
N ARG B 16 -0.62 -0.33 -2.78
CA ARG B 16 -0.13 -1.71 -2.66
C ARG B 16 -0.91 -2.61 -1.70
N ARG B 17 -1.67 -2.05 -0.75
CA ARG B 17 -2.42 -2.82 0.26
C ARG B 17 -3.50 -3.69 -0.38
N ARG B 18 -4.37 -3.03 -1.14
CA ARG B 18 -5.43 -3.63 -1.94
C ARG B 18 -4.88 -4.42 -3.12
N ALA B 19 -3.68 -4.06 -3.61
CA ALA B 19 -3.00 -4.75 -4.69
C ALA B 19 -2.16 -5.94 -4.21
N ALA B 20 -2.05 -6.15 -2.89
CA ALA B 20 -1.53 -7.42 -2.35
C ALA B 20 -2.63 -8.48 -2.46
N ALA B 21 -3.88 -8.03 -2.38
CA ALA B 21 -5.09 -8.81 -2.26
C ALA B 21 -5.89 -9.03 -3.55
N ALA B 22 -5.99 -8.02 -4.43
CA ALA B 22 -6.83 -8.00 -5.64
C ALA B 22 -6.01 -8.04 -6.93
N SER B 7 5.24 5.80 10.60
CA SER B 7 5.84 7.10 10.35
C SER B 7 6.65 7.11 9.04
N ARG B 8 6.12 6.73 7.87
CA ARG B 8 4.76 6.41 7.42
C ARG B 8 4.83 5.47 6.16
N PRO B 9 3.70 4.87 5.76
CA PRO B 9 3.49 4.20 4.48
C PRO B 9 3.55 5.20 3.30
N SER B 10 4.47 4.94 2.37
CA SER B 10 4.95 5.73 1.23
C SER B 10 3.95 6.15 0.14
N GLY B 11 2.64 6.11 0.40
CA GLY B 11 1.52 6.34 -0.53
C GLY B 11 1.45 5.28 -1.63
N ALA B 12 2.56 4.94 -2.31
CA ALA B 12 2.66 3.74 -3.13
C ALA B 12 2.51 2.49 -2.28
N GLU B 13 2.92 2.56 -1.01
CA GLU B 13 2.75 1.52 -0.02
C GLU B 13 1.26 1.37 0.29
N ARG B 14 0.57 2.49 0.49
CA ARG B 14 -0.87 2.53 0.59
C ARG B 14 -1.59 1.90 -0.63
N ARG B 15 -1.01 1.94 -1.84
CA ARG B 15 -1.43 1.14 -3.00
C ARG B 15 -0.79 -0.27 -3.21
N ARG B 16 0.30 -0.67 -2.53
CA ARG B 16 0.77 -2.08 -2.46
C ARG B 16 -0.21 -2.96 -1.67
N ARG B 17 -1.03 -2.34 -0.83
CA ARG B 17 -1.95 -2.97 0.10
C ARG B 17 -3.16 -3.60 -0.57
N ARG B 18 -3.80 -2.85 -1.45
CA ARG B 18 -4.89 -3.42 -2.27
C ARG B 18 -4.35 -4.55 -3.18
N ALA B 19 -3.12 -4.39 -3.67
CA ALA B 19 -2.34 -5.38 -4.42
C ALA B 19 -1.84 -6.57 -3.58
N ALA B 20 -1.89 -6.47 -2.23
CA ALA B 20 -1.63 -7.58 -1.31
C ALA B 20 -2.83 -8.53 -1.25
N ALA B 21 -4.01 -7.93 -1.44
CA ALA B 21 -5.29 -8.50 -1.16
C ALA B 21 -5.94 -9.10 -2.41
N ALA B 22 -5.67 -8.54 -3.59
CA ALA B 22 -5.83 -9.22 -4.88
C ALA B 22 -4.78 -8.73 -5.88
N SER B 7 6.19 4.25 8.02
CA SER B 7 7.20 5.24 7.62
C SER B 7 6.85 6.70 7.93
N ARG B 8 5.60 7.18 8.00
CA ARG B 8 4.28 6.58 7.74
C ARG B 8 4.17 5.95 6.33
N PRO B 9 3.25 4.99 6.08
CA PRO B 9 3.11 4.26 4.81
C PRO B 9 3.09 5.20 3.60
N SER B 10 3.93 4.85 2.62
CA SER B 10 4.47 5.75 1.61
C SER B 10 3.53 6.15 0.47
N GLY B 11 2.23 5.91 0.62
CA GLY B 11 1.18 6.20 -0.35
C GLY B 11 1.21 5.31 -1.60
N ALA B 12 2.39 4.97 -2.16
CA ALA B 12 2.50 3.84 -3.07
C ALA B 12 2.10 2.55 -2.36
N GLU B 13 2.49 2.39 -1.09
CA GLU B 13 2.31 1.18 -0.34
C GLU B 13 0.81 0.97 -0.08
N ARG B 14 0.02 2.03 0.20
CA ARG B 14 -1.43 1.97 0.28
C ARG B 14 -2.08 1.36 -0.98
N ARG B 15 -1.56 1.73 -2.16
CA ARG B 15 -1.95 1.22 -3.47
C ARG B 15 -1.45 -0.20 -3.74
N ARG B 16 -0.38 -0.68 -3.06
CA ARG B 16 0.03 -2.09 -3.15
C ARG B 16 -0.70 -3.03 -2.16
N ARG B 17 -1.34 -2.47 -1.12
CA ARG B 17 -2.03 -3.22 -0.05
C ARG B 17 -3.13 -4.10 -0.63
N ARG B 18 -4.08 -3.40 -1.26
CA ARG B 18 -5.30 -3.84 -1.89
C ARG B 18 -5.02 -4.84 -3.01
N ALA B 19 -3.89 -4.63 -3.69
CA ALA B 19 -3.42 -5.39 -4.82
C ALA B 19 -2.83 -6.74 -4.38
N ALA B 20 -2.58 -6.91 -3.08
CA ALA B 20 -2.25 -8.20 -2.48
C ALA B 20 -3.49 -9.10 -2.36
N ALA B 21 -4.63 -8.45 -2.11
CA ALA B 21 -5.83 -9.01 -1.54
C ALA B 21 -6.90 -9.23 -2.62
N ALA B 22 -7.59 -8.16 -3.02
CA ALA B 22 -8.52 -8.11 -4.15
C ALA B 22 -8.71 -6.64 -4.56
N SER B 7 6.94 5.29 8.89
CA SER B 7 7.82 5.79 7.82
C SER B 7 7.58 7.27 7.52
N ARG B 8 6.39 7.75 7.14
CA ARG B 8 5.07 7.15 6.94
C ARG B 8 4.92 6.38 5.60
N PRO B 9 3.86 5.54 5.45
CA PRO B 9 3.67 4.67 4.28
C PRO B 9 3.48 5.54 3.03
N SER B 10 4.41 5.30 2.09
CA SER B 10 4.79 6.01 0.88
C SER B 10 3.73 6.46 -0.13
N GLY B 11 2.44 6.33 0.18
CA GLY B 11 1.25 6.58 -0.64
C GLY B 11 1.07 5.58 -1.80
N ALA B 12 2.15 5.19 -2.48
CA ALA B 12 2.21 4.01 -3.34
C ALA B 12 2.14 2.71 -2.52
N GLU B 13 2.50 2.78 -1.25
CA GLU B 13 2.49 1.70 -0.28
C GLU B 13 1.04 1.31 0.04
N ARG B 14 0.13 2.28 0.04
CA ARG B 14 -1.29 2.13 0.29
C ARG B 14 -2.03 1.58 -0.96
N ARG B 15 -1.62 1.98 -2.17
CA ARG B 15 -1.96 1.32 -3.43
C ARG B 15 -1.39 -0.11 -3.54
N ARG B 16 -0.23 -0.42 -2.93
CA ARG B 16 0.30 -1.80 -2.81
C ARG B 16 -0.53 -2.67 -1.85
N ARG B 17 -1.14 -2.07 -0.83
CA ARG B 17 -1.95 -2.66 0.26
C ARG B 17 -3.17 -3.45 -0.21
N ARG B 18 -3.96 -2.79 -1.04
CA ARG B 18 -5.17 -3.35 -1.66
C ARG B 18 -4.84 -4.39 -2.73
N ALA B 19 -3.67 -4.25 -3.35
CA ALA B 19 -3.09 -5.17 -4.33
C ALA B 19 -2.43 -6.39 -3.68
N ALA B 20 -2.31 -6.39 -2.35
CA ALA B 20 -1.89 -7.53 -1.54
C ALA B 20 -3.06 -8.49 -1.39
N ALA B 21 -4.25 -7.90 -1.24
CA ALA B 21 -5.51 -8.55 -0.98
C ALA B 21 -6.29 -8.91 -2.25
N ALA B 22 -5.93 -8.33 -3.40
CA ALA B 22 -6.64 -8.46 -4.68
C ALA B 22 -5.71 -8.96 -5.80
N SER B 7 6.08 6.52 9.90
CA SER B 7 6.83 7.51 9.11
C SER B 7 5.99 8.63 8.49
N ARG B 8 4.96 8.45 7.65
CA ARG B 8 4.12 7.30 7.30
C ARG B 8 4.45 6.61 5.95
N PRO B 9 3.95 5.36 5.73
CA PRO B 9 4.07 4.55 4.51
C PRO B 9 3.63 5.32 3.26
N SER B 10 4.44 5.15 2.21
CA SER B 10 4.63 6.09 1.10
C SER B 10 3.47 6.42 0.19
N GLY B 11 2.27 5.94 0.45
CA GLY B 11 1.13 6.11 -0.44
C GLY B 11 1.14 5.10 -1.58
N ALA B 12 2.27 4.90 -2.30
CA ALA B 12 2.45 3.74 -3.17
C ALA B 12 2.37 2.46 -2.33
N GLU B 13 2.72 2.53 -1.03
CA GLU B 13 2.52 1.49 -0.08
C GLU B 13 1.00 1.34 0.09
N ARG B 14 0.27 2.38 0.50
CA ARG B 14 -1.19 2.30 0.64
C ARG B 14 -1.90 1.71 -0.61
N ARG B 15 -1.48 2.10 -1.82
CA ARG B 15 -1.83 1.48 -3.09
C ARG B 15 -1.40 0.02 -3.31
N ARG B 16 -0.22 -0.40 -2.80
CA ARG B 16 0.27 -1.80 -2.86
C ARG B 16 -0.51 -2.72 -1.92
N ARG B 17 -1.05 -2.17 -0.83
CA ARG B 17 -1.73 -2.92 0.25
C ARG B 17 -3.02 -3.54 -0.29
N ARG B 18 -3.64 -2.75 -1.17
CA ARG B 18 -4.80 -2.99 -2.02
C ARG B 18 -4.52 -4.04 -3.08
N ALA B 19 -3.39 -3.87 -3.75
CA ALA B 19 -2.86 -4.74 -4.78
C ALA B 19 -2.30 -6.08 -4.28
N ALA B 20 -2.19 -6.29 -2.97
CA ALA B 20 -1.99 -7.63 -2.38
C ALA B 20 -3.31 -8.40 -2.28
N ALA B 21 -4.40 -7.67 -2.02
CA ALA B 21 -5.60 -8.16 -1.38
C ALA B 21 -6.86 -8.30 -2.26
N ALA B 22 -7.02 -7.44 -3.27
CA ALA B 22 -8.21 -7.39 -4.13
C ALA B 22 -8.11 -8.29 -5.36
N SER B 7 6.55 3.82 9.16
CA SER B 7 7.89 4.44 9.04
C SER B 7 7.91 5.96 8.89
N ARG B 8 6.96 6.66 8.27
CA ARG B 8 5.68 6.33 7.63
C ARG B 8 5.80 5.95 6.13
N PRO B 9 4.82 5.20 5.56
CA PRO B 9 4.77 4.68 4.18
C PRO B 9 4.82 5.75 3.11
N SER B 10 5.03 5.23 1.89
CA SER B 10 5.08 5.97 0.66
C SER B 10 4.00 5.40 -0.24
N GLY B 11 2.77 5.94 -0.08
CA GLY B 11 1.43 5.79 -0.70
C GLY B 11 1.23 4.73 -1.78
N ALA B 12 2.23 4.52 -2.63
CA ALA B 12 2.40 3.38 -3.51
C ALA B 12 2.30 2.09 -2.65
N GLU B 13 2.75 2.12 -1.37
CA GLU B 13 2.63 1.04 -0.43
C GLU B 13 1.16 0.71 -0.15
N ARG B 14 0.32 1.73 0.09
CA ARG B 14 -1.09 1.50 0.40
C ARG B 14 -1.83 0.85 -0.77
N ARG B 15 -1.49 1.27 -2.00
CA ARG B 15 -1.95 0.65 -3.23
C ARG B 15 -1.42 -0.77 -3.43
N ARG B 16 -0.20 -1.10 -2.99
CA ARG B 16 0.23 -2.50 -3.09
C ARG B 16 -0.39 -3.41 -2.00
N ARG B 17 -0.89 -2.88 -0.87
CA ARG B 17 -1.53 -3.64 0.23
C ARG B 17 -2.82 -4.33 -0.19
N ARG B 18 -3.77 -3.56 -0.72
CA ARG B 18 -5.06 -4.04 -1.19
C ARG B 18 -4.92 -5.03 -2.36
N ALA B 19 -3.81 -4.89 -3.10
CA ALA B 19 -3.37 -5.78 -4.16
C ALA B 19 -2.61 -7.01 -3.61
N ALA B 20 -2.04 -6.92 -2.41
CA ALA B 20 -1.40 -8.00 -1.68
C ALA B 20 -2.45 -8.97 -1.08
N ALA B 21 -3.62 -8.40 -0.80
CA ALA B 21 -4.65 -8.92 0.09
C ALA B 21 -5.96 -9.37 -0.57
N ALA B 22 -6.24 -9.02 -1.83
CA ALA B 22 -7.57 -9.15 -2.43
C ALA B 22 -7.53 -9.28 -3.96
N SER B 7 5.46 5.24 8.83
CA SER B 7 6.47 6.28 8.54
C SER B 7 5.92 7.69 8.29
N ARG B 8 4.69 7.94 7.82
CA ARG B 8 3.61 7.06 7.37
C ARG B 8 4.02 6.18 6.16
N PRO B 9 3.31 5.04 5.96
CA PRO B 9 3.32 4.29 4.72
C PRO B 9 3.15 5.23 3.54
N SER B 10 4.09 5.07 2.61
CA SER B 10 4.56 5.94 1.53
C SER B 10 3.55 6.39 0.48
N GLY B 11 2.24 6.25 0.72
CA GLY B 11 1.14 6.45 -0.22
C GLY B 11 1.14 5.40 -1.34
N ALA B 12 2.28 5.17 -2.02
CA ALA B 12 2.46 4.03 -2.88
C ALA B 12 2.29 2.73 -2.12
N GLU B 13 2.61 2.72 -0.81
CA GLU B 13 2.38 1.59 0.05
C GLU B 13 0.87 1.36 0.19
N ARG B 14 0.11 2.42 0.47
CA ARG B 14 -1.34 2.41 0.59
C ARG B 14 -2.06 1.88 -0.67
N ARG B 15 -1.42 1.95 -1.84
CA ARG B 15 -1.71 1.26 -3.08
C ARG B 15 -1.13 -0.17 -3.19
N ARG B 16 0.05 -0.48 -2.64
CA ARG B 16 0.47 -1.89 -2.46
C ARG B 16 -0.40 -2.65 -1.45
N ARG B 17 -1.18 -1.94 -0.63
CA ARG B 17 -2.14 -2.44 0.36
C ARG B 17 -3.39 -3.01 -0.30
N ARG B 18 -3.84 -2.35 -1.36
CA ARG B 18 -4.91 -2.89 -2.20
C ARG B 18 -4.36 -3.95 -3.15
N ALA B 19 -3.11 -3.81 -3.64
CA ALA B 19 -2.44 -4.85 -4.41
C ALA B 19 -2.25 -6.17 -3.65
N ALA B 20 -2.20 -6.09 -2.31
CA ALA B 20 -2.08 -7.23 -1.41
C ALA B 20 -3.30 -8.14 -1.49
N ALA B 21 -4.45 -7.50 -1.72
CA ALA B 21 -5.75 -7.95 -1.28
C ALA B 21 -6.84 -7.97 -2.38
N ALA B 22 -6.57 -7.39 -3.56
CA ALA B 22 -7.37 -7.50 -4.78
C ALA B 22 -6.54 -7.16 -6.03
N SER B 7 4.32 6.37 10.93
CA SER B 7 5.60 6.97 10.50
C SER B 7 5.47 8.22 9.63
N ARG B 8 4.86 8.24 8.44
CA ARG B 8 3.89 7.34 7.80
C ARG B 8 4.42 6.59 6.54
N PRO B 9 3.70 5.52 6.08
CA PRO B 9 3.91 4.77 4.83
C PRO B 9 3.88 5.62 3.57
N SER B 10 4.50 5.04 2.53
CA SER B 10 4.91 5.66 1.27
C SER B 10 3.84 6.16 0.31
N GLY B 11 2.57 6.04 0.68
CA GLY B 11 1.38 6.40 -0.10
C GLY B 11 1.15 5.48 -1.29
N ALA B 12 2.19 5.23 -2.12
CA ALA B 12 2.24 4.09 -3.00
C ALA B 12 2.24 2.80 -2.17
N GLU B 13 2.54 2.86 -0.86
CA GLU B 13 2.36 1.76 0.05
C GLU B 13 0.88 1.43 0.16
N ARG B 14 0.01 2.42 0.40
CA ARG B 14 -1.42 2.19 0.43
C ARG B 14 -1.93 1.55 -0.88
N ARG B 15 -1.35 1.91 -2.03
CA ARG B 15 -1.56 1.25 -3.31
C ARG B 15 -0.96 -0.17 -3.43
N ARG B 16 0.05 -0.56 -2.62
CA ARG B 16 0.47 -1.97 -2.50
C ARG B 16 -0.32 -2.78 -1.45
N ARG B 17 -1.14 -2.13 -0.60
CA ARG B 17 -2.01 -2.81 0.38
C ARG B 17 -3.22 -3.43 -0.31
N ARG B 18 -3.95 -2.62 -1.09
CA ARG B 18 -5.11 -3.09 -1.86
C ARG B 18 -4.72 -4.14 -2.90
N ALA B 19 -3.52 -3.98 -3.45
CA ALA B 19 -2.89 -4.88 -4.40
C ALA B 19 -2.24 -6.10 -3.71
N ALA B 20 -2.26 -6.17 -2.37
CA ALA B 20 -1.99 -7.38 -1.59
C ALA B 20 -3.24 -8.26 -1.51
N ALA B 21 -4.41 -7.62 -1.65
CA ALA B 21 -5.74 -8.13 -1.39
C ALA B 21 -6.59 -8.30 -2.67
N ALA B 22 -6.09 -7.86 -3.83
CA ALA B 22 -6.68 -8.05 -5.15
C ALA B 22 -5.60 -7.97 -6.23
N SER B 7 5.14 6.95 10.38
CA SER B 7 5.97 7.85 9.56
C SER B 7 5.20 8.88 8.74
N ARG B 8 4.31 8.57 7.80
CA ARG B 8 3.66 7.32 7.42
C ARG B 8 4.22 6.66 6.13
N PRO B 9 3.83 5.39 5.88
CA PRO B 9 3.91 4.64 4.62
C PRO B 9 3.65 5.46 3.36
N SER B 10 4.48 5.19 2.34
CA SER B 10 4.69 5.95 1.12
C SER B 10 3.52 6.29 0.21
N GLY B 11 2.30 5.87 0.53
CA GLY B 11 1.11 5.98 -0.31
C GLY B 11 1.16 5.07 -1.55
N ALA B 12 2.27 4.99 -2.29
CA ALA B 12 2.54 3.84 -3.14
C ALA B 12 2.48 2.56 -2.28
N GLU B 13 2.65 2.71 -0.95
CA GLU B 13 2.47 1.69 0.03
C GLU B 13 0.99 1.30 0.04
N ARG B 14 0.07 2.23 0.33
CA ARG B 14 -1.35 1.92 0.41
C ARG B 14 -1.88 1.29 -0.90
N ARG B 15 -1.43 1.80 -2.04
CA ARG B 15 -1.68 1.24 -3.36
C ARG B 15 -1.01 -0.15 -3.59
N ARG B 16 0.13 -0.49 -2.98
CA ARG B 16 0.67 -1.88 -3.00
C ARG B 16 -0.21 -2.87 -2.20
N ARG B 17 -0.82 -2.43 -1.10
CA ARG B 17 -1.65 -3.25 -0.19
C ARG B 17 -2.90 -3.73 -0.91
N ARG B 18 -3.56 -2.77 -1.56
CA ARG B 18 -4.73 -3.07 -2.39
C ARG B 18 -4.37 -3.95 -3.60
N ALA B 19 -3.12 -3.83 -4.07
CA ALA B 19 -2.56 -4.65 -5.13
C ALA B 19 -2.04 -6.02 -4.62
N ALA B 20 -2.20 -6.31 -3.31
CA ALA B 20 -2.19 -7.66 -2.76
C ALA B 20 -3.59 -8.28 -2.83
N ALA B 21 -4.62 -7.42 -2.68
CA ALA B 21 -5.99 -7.76 -2.33
C ALA B 21 -7.02 -7.74 -3.47
N ALA B 22 -6.68 -7.15 -4.61
CA ALA B 22 -7.58 -6.95 -5.75
C ALA B 22 -6.90 -7.21 -7.10
N SER B 7 5.69 5.51 9.95
CA SER B 7 6.90 6.10 9.34
C SER B 7 6.68 7.43 8.61
N ARG B 8 5.79 7.59 7.63
CA ARG B 8 4.63 6.79 7.21
C ARG B 8 4.82 6.05 5.85
N PRO B 9 3.96 5.03 5.58
CA PRO B 9 3.78 4.33 4.29
C PRO B 9 3.75 5.27 3.11
N SER B 10 4.57 4.91 2.13
CA SER B 10 4.87 5.72 0.97
C SER B 10 3.89 5.45 -0.17
N GLY B 11 2.60 5.79 0.05
CA GLY B 11 1.37 5.86 -0.77
C GLY B 11 1.22 4.95 -1.98
N ALA B 12 2.29 4.72 -2.71
CA ALA B 12 2.52 3.61 -3.61
C ALA B 12 2.36 2.34 -2.80
N GLU B 13 2.74 2.37 -1.51
CA GLU B 13 2.48 1.36 -0.51
C GLU B 13 0.97 1.19 -0.42
N ARG B 14 0.23 2.27 -0.12
CA ARG B 14 -1.22 2.20 -0.02
C ARG B 14 -1.98 1.82 -1.32
N ARG B 15 -1.42 2.07 -2.51
CA ARG B 15 -1.81 1.43 -3.77
C ARG B 15 -1.47 -0.08 -3.76
N ARG B 16 -0.23 -0.50 -3.45
CA ARG B 16 0.17 -1.92 -3.37
C ARG B 16 -0.49 -2.70 -2.20
N ARG B 17 -1.22 -2.02 -1.32
CA ARG B 17 -1.90 -2.60 -0.16
C ARG B 17 -3.17 -3.32 -0.55
N ARG B 18 -4.02 -2.62 -1.30
CA ARG B 18 -5.27 -3.14 -1.82
C ARG B 18 -4.99 -4.32 -2.75
N ALA B 19 -3.84 -4.26 -3.43
CA ALA B 19 -3.35 -5.29 -4.32
C ALA B 19 -2.63 -6.43 -3.61
N ALA B 20 -2.33 -6.31 -2.31
CA ALA B 20 -1.83 -7.44 -1.51
C ALA B 20 -2.96 -8.46 -1.28
N ALA B 21 -4.18 -7.92 -1.23
CA ALA B 21 -5.46 -8.57 -1.11
C ALA B 21 -6.12 -8.93 -2.46
N ALA B 22 -6.08 -8.03 -3.46
CA ALA B 22 -6.74 -8.18 -4.77
C ALA B 22 -5.93 -7.49 -5.89
N SER B 7 7.03 2.73 7.82
CA SER B 7 8.40 3.20 7.58
C SER B 7 8.63 4.65 7.99
N ARG B 8 7.65 5.57 7.99
CA ARG B 8 6.24 5.61 7.52
C ARG B 8 5.99 5.32 6.02
N PRO B 9 4.74 4.92 5.65
CA PRO B 9 4.32 4.49 4.30
C PRO B 9 4.27 5.62 3.27
N SER B 10 4.54 5.21 2.02
CA SER B 10 4.79 6.04 0.84
C SER B 10 3.61 6.63 0.12
N GLY B 11 2.39 6.27 0.46
CA GLY B 11 1.18 6.56 -0.30
C GLY B 11 1.04 5.62 -1.52
N ALA B 12 2.07 5.38 -2.35
CA ALA B 12 2.14 4.25 -3.27
C ALA B 12 1.95 2.92 -2.53
N GLU B 13 2.13 2.92 -1.19
CA GLU B 13 1.88 1.84 -0.27
C GLU B 13 0.40 1.52 -0.23
N ARG B 14 -0.49 2.52 -0.12
CA ARG B 14 -1.91 2.26 -0.20
C ARG B 14 -2.30 1.62 -1.56
N ARG B 15 -1.53 1.93 -2.60
CA ARG B 15 -1.66 1.37 -3.94
C ARG B 15 -1.04 -0.05 -4.06
N ARG B 16 -0.20 -0.53 -3.11
CA ARG B 16 0.19 -1.96 -3.06
C ARG B 16 -0.37 -2.77 -1.85
N ARG B 17 -1.16 -2.16 -0.97
CA ARG B 17 -1.79 -2.77 0.22
C ARG B 17 -2.63 -3.98 -0.18
N ARG B 18 -3.46 -3.74 -1.18
CA ARG B 18 -4.35 -4.68 -1.85
C ARG B 18 -3.60 -5.76 -2.65
N ALA B 19 -2.35 -5.44 -3.02
CA ALA B 19 -1.36 -6.32 -3.63
C ALA B 19 -0.49 -7.06 -2.58
N ALA B 20 -0.62 -6.76 -1.27
CA ALA B 20 -0.04 -7.54 -0.17
C ALA B 20 -1.01 -8.58 0.40
N ALA B 21 -2.31 -8.30 0.32
CA ALA B 21 -3.30 -8.95 1.17
C ALA B 21 -3.95 -10.21 0.57
N ALA B 22 -4.36 -10.18 -0.71
CA ALA B 22 -4.83 -11.36 -1.44
C ALA B 22 -4.49 -11.30 -2.95
N SER B 7 7.34 3.66 9.26
CA SER B 7 7.62 5.10 9.44
C SER B 7 7.89 5.79 8.11
N ARG B 8 6.91 6.38 7.43
CA ARG B 8 5.45 6.20 7.46
C ARG B 8 4.99 5.64 6.09
N PRO B 9 3.77 5.07 5.98
CA PRO B 9 3.21 4.44 4.78
C PRO B 9 3.31 5.37 3.57
N SER B 10 4.23 5.00 2.67
CA SER B 10 4.76 5.81 1.58
C SER B 10 3.82 6.05 0.39
N GLY B 11 2.50 6.12 0.60
CA GLY B 11 1.44 6.40 -0.38
C GLY B 11 1.30 5.35 -1.50
N ALA B 12 2.41 4.97 -2.12
CA ALA B 12 2.59 3.77 -2.90
C ALA B 12 2.34 2.54 -2.04
N GLU B 13 2.60 2.64 -0.72
CA GLU B 13 2.37 1.60 0.26
C GLU B 13 0.88 1.36 0.30
N ARG B 14 0.09 2.40 0.59
CA ARG B 14 -1.37 2.39 0.57
C ARG B 14 -1.97 1.74 -0.69
N ARG B 15 -1.34 1.87 -1.87
CA ARG B 15 -1.63 1.09 -3.08
C ARG B 15 -1.08 -0.36 -3.08
N ARG B 16 0.11 -0.65 -2.54
CA ARG B 16 0.60 -2.04 -2.37
C ARG B 16 -0.27 -2.86 -1.39
N ARG B 17 -1.19 -2.23 -0.64
CA ARG B 17 -2.20 -2.90 0.19
C ARG B 17 -3.28 -3.54 -0.66
N ARG B 18 -3.93 -2.75 -1.54
CA ARG B 18 -4.95 -3.28 -2.43
C ARG B 18 -4.32 -4.28 -3.42
N ALA B 19 -3.01 -4.16 -3.65
CA ALA B 19 -2.18 -5.08 -4.43
C ALA B 19 -1.67 -6.29 -3.61
N ALA B 20 -1.82 -6.27 -2.28
CA ALA B 20 -1.57 -7.42 -1.40
C ALA B 20 -2.82 -8.27 -1.21
N ALA B 21 -3.98 -7.61 -1.28
CA ALA B 21 -5.29 -8.10 -0.86
C ALA B 21 -6.21 -8.40 -2.04
N ALA B 22 -5.91 -7.83 -3.21
CA ALA B 22 -6.45 -8.14 -4.52
C ALA B 22 -5.34 -8.01 -5.59
N SER B 7 6.84 4.29 9.83
CA SER B 7 7.12 5.72 9.98
C SER B 7 7.64 6.24 8.65
N ARG B 8 6.79 6.45 7.66
CA ARG B 8 5.33 6.28 7.58
C ARG B 8 4.96 5.69 6.20
N PRO B 9 3.72 5.18 6.03
CA PRO B 9 3.18 4.73 4.74
C PRO B 9 3.32 5.81 3.68
N SER B 10 3.73 5.35 2.49
CA SER B 10 4.30 6.17 1.43
C SER B 10 3.33 6.61 0.35
N GLY B 11 2.03 6.46 0.57
CA GLY B 11 1.00 6.63 -0.44
C GLY B 11 0.94 5.41 -1.35
N ALA B 12 2.04 5.08 -2.06
CA ALA B 12 2.19 3.88 -2.86
C ALA B 12 1.87 2.61 -2.04
N GLU B 13 2.20 2.70 -0.75
CA GLU B 13 2.04 1.68 0.25
C GLU B 13 0.56 1.35 0.41
N ARG B 14 -0.32 2.36 0.48
CA ARG B 14 -1.75 2.18 0.47
C ARG B 14 -2.23 1.33 -0.73
N ARG B 15 -1.74 1.65 -1.93
CA ARG B 15 -1.95 0.86 -3.13
C ARG B 15 -1.32 -0.54 -3.07
N ARG B 16 -0.28 -0.80 -2.25
CA ARG B 16 0.29 -2.14 -2.02
C ARG B 16 -0.41 -2.95 -0.90
N ARG B 17 -1.27 -2.34 -0.08
CA ARG B 17 -2.06 -3.01 0.96
C ARG B 17 -3.05 -4.01 0.37
N ARG B 18 -3.93 -3.53 -0.51
CA ARG B 18 -4.87 -4.31 -1.32
C ARG B 18 -4.13 -5.29 -2.22
N ALA B 19 -2.93 -4.91 -2.65
CA ALA B 19 -2.05 -5.70 -3.52
C ALA B 19 -1.31 -6.79 -2.74
N ALA B 20 -1.37 -6.74 -1.41
CA ALA B 20 -0.95 -7.83 -0.55
C ALA B 20 -2.06 -8.88 -0.44
N ALA B 21 -3.30 -8.36 -0.42
CA ALA B 21 -4.49 -9.02 0.09
C ALA B 21 -5.36 -9.73 -0.97
N ALA B 22 -5.24 -9.35 -2.26
CA ALA B 22 -5.81 -10.07 -3.40
C ALA B 22 -5.13 -9.58 -4.68
N SER B 7 6.34 4.27 9.32
CA SER B 7 7.42 5.02 8.62
C SER B 7 7.29 6.54 8.69
N ARG B 8 6.15 7.21 8.48
CA ARG B 8 4.81 6.78 8.09
C ARG B 8 4.73 6.41 6.59
N PRO B 9 3.86 5.44 6.23
CA PRO B 9 3.83 4.73 4.95
C PRO B 9 3.68 5.65 3.74
N SER B 10 4.64 5.48 2.82
CA SER B 10 5.00 6.34 1.70
C SER B 10 3.99 6.56 0.57
N GLY B 11 2.71 6.24 0.76
CA GLY B 11 1.61 6.39 -0.19
C GLY B 11 1.66 5.41 -1.35
N ALA B 12 2.83 5.19 -1.98
CA ALA B 12 3.04 4.04 -2.85
C ALA B 12 2.79 2.76 -2.02
N GLU B 13 3.11 2.80 -0.70
CA GLU B 13 2.87 1.74 0.27
C GLU B 13 1.38 1.44 0.40
N ARG B 14 0.58 2.50 0.55
CA ARG B 14 -0.84 2.39 0.69
C ARG B 14 -1.54 1.83 -0.57
N ARG B 15 -1.01 2.07 -1.77
CA ARG B 15 -1.34 1.33 -3.00
C ARG B 15 -0.81 -0.11 -3.02
N ARG B 16 0.41 -0.39 -2.53
CA ARG B 16 0.97 -1.75 -2.52
C ARG B 16 0.14 -2.75 -1.68
N ARG B 17 -0.58 -2.27 -0.66
CA ARG B 17 -1.40 -3.05 0.30
C ARG B 17 -2.58 -3.80 -0.34
N ARG B 18 -3.47 -3.07 -1.02
CA ARG B 18 -4.59 -3.65 -1.77
C ARG B 18 -4.11 -4.49 -2.94
N ALA B 19 -2.90 -4.17 -3.43
CA ALA B 19 -2.23 -4.88 -4.49
C ALA B 19 -1.45 -6.10 -3.97
N ALA B 20 -1.57 -6.40 -2.67
CA ALA B 20 -1.21 -7.68 -2.06
C ALA B 20 -2.39 -8.65 -2.10
N ALA B 21 -3.62 -8.10 -2.07
CA ALA B 21 -4.79 -8.77 -1.57
C ALA B 21 -5.95 -8.97 -2.56
N ALA B 22 -6.37 -7.95 -3.31
CA ALA B 22 -7.50 -7.98 -4.24
C ALA B 22 -7.30 -7.00 -5.41
#